data_3K2M
#
_entry.id   3K2M
#
_cell.length_a   33.625
_cell.length_b   88.181
_cell.length_c   131.081
_cell.angle_alpha   90.000
_cell.angle_beta   90.000
_cell.angle_gamma   90.000
#
_symmetry.space_group_name_H-M   'P 21 21 21'
#
loop_
_entity.id
_entity.type
_entity.pdbx_description
1 polymer 'Proto-oncogene tyrosine-protein kinase ABL1'
2 polymer 'Monobody HA4'
3 non-polymer 'PHOSPHATE ION'
4 water water
#
loop_
_entity_poly.entity_id
_entity_poly.type
_entity_poly.pdbx_seq_one_letter_code
_entity_poly.pdbx_strand_id
1 'polypeptide(L)'
;SLEKHSWYHGPVSRNAAEYLLSSGINGSFLVRESESSPGQRSISLRYEGRVYHYRINTASDGKLYVSSESRFNTLAELVH
HHSTVADGLITTLHYPAPKRNKPTVYGVSPNY
;
A,B
2 'polypeptide(L)'
;GSSVSSVPTKLEVVAATPTSLLISWDAPMSSSSVYYYRITYGETGGNSPVQEFTVPYSSSTATISGLSPGVDYTITVYAW
GEDSAGYMFMYSPISINYRTC
;
C,D
#
# COMPACT_ATOMS: atom_id res chain seq x y z
N SER A 1 -9.95 -31.30 18.79
CA SER A 1 -8.47 -31.25 18.55
C SER A 1 -8.13 -31.10 17.05
N LEU A 2 -7.08 -30.34 16.73
CA LEU A 2 -6.70 -30.05 15.34
C LEU A 2 -6.50 -31.30 14.49
N GLU A 3 -5.96 -32.35 15.10
CA GLU A 3 -5.69 -33.60 14.37
C GLU A 3 -6.96 -34.23 13.78
N LYS A 4 -8.14 -33.89 14.32
CA LYS A 4 -9.42 -34.36 13.76
C LYS A 4 -9.65 -33.92 12.30
N HIS A 5 -9.03 -32.79 11.92
CA HIS A 5 -9.33 -32.18 10.65
C HIS A 5 -8.46 -32.88 9.64
N SER A 6 -9.06 -33.30 8.53
CA SER A 6 -8.24 -33.94 7.49
C SER A 6 -7.16 -33.00 6.89
N TRP A 7 -7.38 -31.69 6.96
CA TRP A 7 -6.44 -30.73 6.41
C TRP A 7 -5.20 -30.51 7.30
N TYR A 8 -5.27 -31.01 8.54
CA TYR A 8 -4.22 -30.79 9.49
C TYR A 8 -3.30 -32.03 9.64
N HIS A 9 -2.12 -31.99 9.03
CA HIS A 9 -1.24 -33.15 8.94
C HIS A 9 -0.12 -33.20 9.98
N GLY A 10 0.00 -32.13 10.76
CA GLY A 10 1.04 -32.10 11.79
C GLY A 10 2.46 -32.10 11.22
N PRO A 11 3.38 -32.78 11.92
CA PRO A 11 4.78 -32.68 11.48
C PRO A 11 5.04 -33.55 10.26
N VAL A 12 4.92 -32.96 9.08
CA VAL A 12 5.38 -33.59 7.85
C VAL A 12 6.35 -32.68 7.11
N SER A 13 7.30 -33.29 6.42
CA SER A 13 8.32 -32.53 5.71
C SER A 13 7.80 -31.94 4.39
N ARG A 14 8.59 -31.01 3.86
CA ARG A 14 8.31 -30.43 2.54
C ARG A 14 8.17 -31.52 1.47
N ASN A 15 9.13 -32.45 1.48
CA ASN A 15 9.08 -33.56 0.52
C ASN A 15 7.91 -34.49 0.74
N ALA A 16 7.60 -34.77 1.99
CA ALA A 16 6.41 -35.53 2.30
C ALA A 16 5.15 -34.82 1.76
N ALA A 17 5.08 -33.49 1.86
CA ALA A 17 3.93 -32.75 1.29
C ALA A 17 3.78 -32.99 -0.19
N GLU A 18 4.87 -33.07 -0.95
CA GLU A 18 4.75 -33.48 -2.37
C GLU A 18 4.12 -34.87 -2.55
N TYR A 19 4.53 -35.82 -1.71
CA TYR A 19 3.94 -37.15 -1.78
C TYR A 19 2.45 -37.06 -1.43
N LEU A 20 2.12 -36.36 -0.35
CA LEU A 20 0.73 -36.29 0.12
C LEU A 20 -0.18 -35.61 -0.87
N LEU A 21 0.40 -34.69 -1.63
CA LEU A 21 -0.39 -33.98 -2.70
C LEU A 21 -0.28 -34.57 -4.11
N SER A 22 0.34 -35.74 -4.25
CA SER A 22 0.72 -36.30 -5.57
C SER A 22 -0.48 -36.59 -6.49
N SER A 23 -1.60 -37.02 -5.90
CA SER A 23 -2.80 -37.27 -6.70
C SER A 23 -3.90 -36.27 -6.34
N GLY A 24 -3.46 -35.14 -5.76
CA GLY A 24 -4.32 -33.99 -5.56
C GLY A 24 -4.73 -33.32 -6.88
N ILE A 25 -5.59 -32.32 -6.77
CA ILE A 25 -6.00 -31.49 -7.90
C ILE A 25 -5.85 -30.01 -7.47
N ASN A 26 -6.21 -29.08 -8.33
CA ASN A 26 -6.15 -27.67 -7.92
C ASN A 26 -6.89 -27.42 -6.59
N GLY A 27 -6.23 -26.73 -5.68
CA GLY A 27 -6.85 -26.46 -4.38
C GLY A 27 -6.66 -27.54 -3.33
N SER A 28 -6.01 -28.67 -3.67
CA SER A 28 -5.68 -29.66 -2.62
C SER A 28 -4.62 -29.07 -1.73
N PHE A 29 -4.70 -29.28 -0.41
CA PHE A 29 -3.80 -28.54 0.50
C PHE A 29 -3.66 -29.34 1.77
N LEU A 30 -2.66 -28.98 2.54
CA LEU A 30 -2.53 -29.44 3.92
C LEU A 30 -1.83 -28.35 4.73
N VAL A 31 -2.12 -28.35 6.04
CA VAL A 31 -1.37 -27.56 7.01
C VAL A 31 -0.39 -28.49 7.72
N ARG A 32 0.86 -28.05 7.81
CA ARG A 32 1.91 -28.84 8.47
C ARG A 32 2.81 -28.01 9.39
N GLU A 33 3.60 -28.68 10.22
CA GLU A 33 4.67 -28.04 11.02
C GLU A 33 5.95 -27.95 10.18
N SER A 34 6.54 -26.75 10.05
CA SER A 34 7.79 -26.45 9.25
C SER A 34 9.10 -26.96 9.88
N GLU A 35 9.94 -27.62 9.06
CA GLU A 35 11.26 -28.08 9.52
C GLU A 35 12.32 -26.95 9.45
N SER A 36 12.14 -26.00 8.51
CA SER A 36 13.04 -24.82 8.47
C SER A 36 12.88 -23.88 9.70
N SER A 37 11.68 -23.77 10.27
CA SER A 37 11.54 -23.22 11.65
C SER A 37 10.43 -23.88 12.49
N PRO A 38 10.81 -24.70 13.50
CA PRO A 38 9.93 -25.34 14.51
C PRO A 38 8.92 -24.42 15.20
N GLY A 39 7.85 -24.99 15.77
CA GLY A 39 6.65 -24.23 16.20
C GLY A 39 5.92 -23.49 15.07
N GLN A 40 6.56 -23.37 13.93
CA GLN A 40 5.97 -22.64 12.83
C GLN A 40 5.19 -23.59 11.93
N ARG A 41 4.06 -23.12 11.48
CA ARG A 41 3.25 -23.93 10.59
C ARG A 41 3.26 -23.35 9.17
N SER A 42 2.91 -24.21 8.21
CA SER A 42 2.86 -23.81 6.79
C SER A 42 1.67 -24.43 6.09
N ILE A 43 1.26 -23.80 4.98
CA ILE A 43 0.24 -24.41 4.13
C ILE A 43 0.96 -24.88 2.88
N SER A 44 0.73 -26.11 2.46
CA SER A 44 1.27 -26.56 1.15
C SER A 44 0.06 -26.74 0.28
N LEU A 45 0.08 -26.08 -0.87
CA LEU A 45 -1.10 -25.90 -1.71
C LEU A 45 -0.78 -26.29 -3.16
N ARG A 46 -1.57 -27.21 -3.74
CA ARG A 46 -1.35 -27.65 -5.14
C ARG A 46 -2.12 -26.77 -6.13
N TYR A 47 -1.47 -26.35 -7.21
CA TYR A 47 -2.13 -25.66 -8.26
C TYR A 47 -1.41 -25.95 -9.57
N GLU A 48 -2.18 -26.40 -10.56
CA GLU A 48 -1.68 -26.82 -11.85
C GLU A 48 -0.41 -27.70 -11.71
N GLY A 49 -0.49 -28.67 -10.84
CA GLY A 49 0.55 -29.68 -10.74
C GLY A 49 1.73 -29.30 -9.88
N ARG A 50 1.79 -28.03 -9.42
CA ARG A 50 2.95 -27.54 -8.64
C ARG A 50 2.48 -27.34 -7.23
N VAL A 51 3.36 -27.52 -6.25
CA VAL A 51 3.00 -27.25 -4.86
C VAL A 51 3.63 -25.92 -4.42
N TYR A 52 2.82 -25.08 -3.79
CA TYR A 52 3.28 -23.79 -3.29
C TYR A 52 3.21 -23.83 -1.75
N HIS A 53 4.22 -23.27 -1.10
CA HIS A 53 4.34 -23.37 0.35
C HIS A 53 4.25 -21.99 0.94
N TYR A 54 3.34 -21.82 1.89
CA TYR A 54 3.15 -20.51 2.51
C TYR A 54 3.41 -20.62 4.01
N ARG A 55 4.15 -19.66 4.55
CA ARG A 55 4.30 -19.58 5.99
C ARG A 55 3.01 -19.07 6.66
N ILE A 56 2.59 -19.74 7.72
CA ILE A 56 1.50 -19.21 8.56
C ILE A 56 2.21 -18.40 9.66
N ASN A 57 2.02 -17.07 9.61
CA ASN A 57 2.69 -16.18 10.53
C ASN A 57 1.93 -16.09 11.83
N THR A 58 2.65 -15.93 12.96
CA THR A 58 1.99 -15.62 14.23
C THR A 58 2.31 -14.18 14.62
N ALA A 59 1.27 -13.35 14.68
CA ALA A 59 1.39 -11.97 15.08
C ALA A 59 1.76 -11.83 16.55
N SER A 60 2.14 -10.61 16.91
CA SER A 60 2.54 -10.34 18.29
C SER A 60 1.34 -10.50 19.22
N ASP A 61 0.13 -10.35 18.72
CA ASP A 61 -1.07 -10.51 19.58
C ASP A 61 -1.67 -11.93 19.46
N GLY A 62 -0.92 -12.86 18.86
CA GLY A 62 -1.37 -14.25 18.81
C GLY A 62 -2.15 -14.63 17.56
N LYS A 63 -2.67 -13.66 16.83
CA LYS A 63 -3.43 -13.98 15.60
C LYS A 63 -2.54 -14.63 14.55
N LEU A 64 -3.16 -15.44 13.71
CA LEU A 64 -2.46 -16.14 12.62
C LEU A 64 -2.82 -15.55 11.24
N TYR A 65 -1.88 -15.60 10.32
CA TYR A 65 -2.09 -15.08 9.01
C TYR A 65 -1.08 -15.57 7.98
N VAL A 66 -1.58 -15.69 6.75
CA VAL A 66 -0.75 -15.81 5.55
C VAL A 66 -0.56 -14.44 4.93
N SER A 67 -1.67 -13.70 4.80
CA SER A 67 -1.58 -12.38 4.29
C SER A 67 -1.78 -11.37 5.42
N SER A 68 -0.94 -10.35 5.46
CA SER A 68 -0.93 -9.43 6.57
C SER A 68 -2.28 -8.79 6.89
N GLU A 69 -3.04 -8.49 5.85
CA GLU A 69 -4.34 -7.83 5.99
C GLU A 69 -5.48 -8.72 6.55
N SER A 70 -5.24 -10.03 6.62
CA SER A 70 -6.32 -10.95 7.02
C SER A 70 -5.82 -11.91 8.10
N ARG A 71 -6.04 -11.52 9.36
CA ARG A 71 -5.51 -12.24 10.52
C ARG A 71 -6.63 -12.83 11.34
N PHE A 72 -6.42 -14.01 11.92
CA PHE A 72 -7.49 -14.73 12.60
C PHE A 72 -7.10 -15.26 13.95
N ASN A 73 -8.09 -15.42 14.84
CA ASN A 73 -7.80 -15.95 16.17
C ASN A 73 -7.35 -17.40 16.16
N THR A 74 -7.81 -18.18 15.19
CA THR A 74 -7.47 -19.60 15.17
C THR A 74 -7.16 -20.09 13.77
N LEU A 75 -6.40 -21.17 13.71
CA LEU A 75 -6.08 -21.82 12.46
C LEU A 75 -7.33 -22.24 11.67
N ALA A 76 -8.35 -22.79 12.35
CA ALA A 76 -9.61 -23.18 11.69
C ALA A 76 -10.26 -21.99 10.97
N GLU A 77 -10.23 -20.82 11.61
CA GLU A 77 -10.81 -19.60 11.00
C GLU A 77 -9.99 -19.20 9.81
N LEU A 78 -8.66 -19.36 9.90
CA LEU A 78 -7.77 -19.01 8.78
C LEU A 78 -8.04 -19.89 7.58
N VAL A 79 -8.09 -21.20 7.80
CA VAL A 79 -8.40 -22.16 6.71
C VAL A 79 -9.78 -21.86 6.10
N HIS A 80 -10.81 -21.66 6.95
CA HIS A 80 -12.18 -21.34 6.49
C HIS A 80 -12.14 -20.13 5.56
N HIS A 81 -11.49 -19.05 6.02
CA HIS A 81 -11.32 -17.83 5.20
C HIS A 81 -10.72 -18.11 3.84
N HIS A 82 -9.57 -18.79 3.81
CA HIS A 82 -8.86 -18.95 2.53
C HIS A 82 -9.50 -20.05 1.67
N SER A 83 -10.50 -20.72 2.22
CA SER A 83 -11.28 -21.69 1.42
C SER A 83 -12.33 -20.99 0.57
N THR A 84 -12.68 -19.75 0.92
CA THR A 84 -13.69 -18.97 0.17
C THR A 84 -13.06 -17.90 -0.73
N VAL A 85 -11.88 -17.38 -0.35
CA VAL A 85 -11.18 -16.35 -1.14
C VAL A 85 -9.67 -16.59 -1.08
N ALA A 86 -8.99 -16.53 -2.24
CA ALA A 86 -7.55 -16.86 -2.22
C ALA A 86 -6.78 -15.90 -1.30
N ASP A 87 -7.04 -14.60 -1.47
CA ASP A 87 -6.53 -13.53 -0.60
C ASP A 87 -5.02 -13.67 -0.38
N GLY A 88 -4.29 -13.75 -1.50
CA GLY A 88 -2.81 -13.87 -1.43
C GLY A 88 -2.30 -15.21 -1.87
N LEU A 89 -3.07 -16.30 -1.62
CA LEU A 89 -2.72 -17.65 -2.10
C LEU A 89 -2.92 -17.75 -3.62
N ILE A 90 -2.25 -18.69 -4.29
CA ILE A 90 -2.43 -18.81 -5.74
C ILE A 90 -3.87 -19.25 -6.13
N THR A 91 -4.56 -19.93 -5.21
CA THR A 91 -5.95 -20.35 -5.43
C THR A 91 -6.56 -20.58 -4.04
N THR A 92 -7.83 -20.90 -3.96
CA THR A 92 -8.44 -21.15 -2.64
C THR A 92 -8.09 -22.55 -2.11
N LEU A 93 -8.19 -22.71 -0.80
CA LEU A 93 -7.99 -23.99 -0.15
C LEU A 93 -9.26 -24.81 -0.37
N HIS A 94 -9.15 -25.97 -1.00
CA HIS A 94 -10.35 -26.68 -1.42
C HIS A 94 -10.47 -28.06 -0.78
N TYR A 95 -9.56 -28.94 -1.16
CA TYR A 95 -9.62 -30.35 -0.71
C TYR A 95 -8.42 -30.71 0.19
N PRO A 96 -8.68 -31.26 1.36
CA PRO A 96 -7.52 -31.72 2.15
C PRO A 96 -6.80 -32.87 1.46
N ALA A 97 -5.48 -32.86 1.57
CA ALA A 97 -4.69 -33.99 1.16
C ALA A 97 -5.03 -35.21 2.03
N PRO A 98 -5.08 -36.40 1.41
CA PRO A 98 -5.29 -37.61 2.20
C PRO A 98 -4.12 -37.81 3.17
N LYS A 99 -4.41 -38.24 4.39
CA LYS A 99 -3.34 -38.54 5.37
C LYS A 99 -2.73 -39.94 5.19
N ARG A 100 -1.42 -40.06 5.37
CA ARG A 100 -0.71 -41.35 5.18
C ARG A 100 0.29 -41.65 6.29
N GLU B 3 -13.31 36.39 -1.42
CA GLU B 3 -14.20 35.66 -0.46
C GLU B 3 -13.84 35.94 1.00
N LYS B 4 -14.76 35.57 1.91
CA LYS B 4 -14.63 35.84 3.35
C LYS B 4 -13.55 35.01 4.08
N HIS B 5 -13.00 33.99 3.42
CA HIS B 5 -11.96 33.18 4.03
C HIS B 5 -10.59 33.88 4.04
N SER B 6 -9.93 33.87 5.21
CA SER B 6 -8.62 34.41 5.32
C SER B 6 -7.55 33.63 4.55
N TRP B 7 -7.76 32.31 4.32
CA TRP B 7 -6.83 31.51 3.55
C TRP B 7 -7.25 31.44 2.11
N TYR B 8 -8.43 32.03 1.81
CA TYR B 8 -8.88 32.11 0.41
C TYR B 8 -8.52 33.44 -0.24
N HIS B 9 -7.53 33.40 -1.14
CA HIS B 9 -7.03 34.61 -1.81
C HIS B 9 -7.60 34.82 -3.20
N GLY B 10 -8.37 33.84 -3.68
CA GLY B 10 -9.03 33.94 -4.99
C GLY B 10 -8.08 33.97 -6.17
N PRO B 11 -8.42 34.78 -7.19
CA PRO B 11 -7.61 34.98 -8.39
C PRO B 11 -6.25 35.62 -8.04
N VAL B 12 -5.29 34.76 -7.73
CA VAL B 12 -3.94 35.13 -7.36
C VAL B 12 -3.03 34.19 -8.15
N SER B 13 -2.09 34.74 -8.92
CA SER B 13 -1.17 33.91 -9.71
C SER B 13 -0.23 33.09 -8.82
N ARG B 14 0.34 32.04 -9.39
CA ARG B 14 1.36 31.24 -8.71
C ARG B 14 2.54 32.11 -8.31
N ASN B 15 2.95 32.99 -9.22
CA ASN B 15 4.05 33.91 -9.02
C ASN B 15 3.71 34.86 -7.86
N ALA B 16 2.51 35.43 -7.91
CA ALA B 16 1.97 36.21 -6.81
C ALA B 16 1.97 35.45 -5.48
N ALA B 17 1.51 34.19 -5.47
CA ALA B 17 1.43 33.41 -4.22
C ALA B 17 2.81 33.22 -3.56
N GLU B 18 3.82 32.92 -4.37
CA GLU B 18 5.17 32.70 -3.88
C GLU B 18 5.77 33.98 -3.34
N TYR B 19 5.40 35.08 -3.99
CA TYR B 19 5.76 36.41 -3.50
C TYR B 19 5.11 36.62 -2.14
N LEU B 20 3.77 36.46 -2.12
CA LEU B 20 2.95 36.60 -0.93
C LEU B 20 3.47 35.72 0.21
N LEU B 21 3.94 34.52 -0.12
CA LEU B 21 4.41 33.58 0.91
C LEU B 21 5.88 33.75 1.27
N SER B 22 6.61 34.54 0.48
CA SER B 22 8.05 34.75 0.68
C SER B 22 8.38 35.33 2.06
N SER B 23 7.47 36.15 2.60
CA SER B 23 7.65 36.76 3.92
C SER B 23 6.82 36.04 5.00
N GLY B 24 6.60 34.73 4.78
CA GLY B 24 5.89 33.88 5.74
C GLY B 24 6.81 32.96 6.53
N ILE B 25 6.22 32.05 7.29
CA ILE B 25 6.99 31.05 8.07
C ILE B 25 6.53 29.62 7.72
N ASN B 26 7.05 28.60 8.41
CA ASN B 26 6.51 27.24 8.27
C ASN B 26 5.00 27.18 8.59
N GLY B 27 4.22 26.59 7.67
CA GLY B 27 2.75 26.49 7.86
C GLY B 27 1.97 27.68 7.31
N SER B 28 2.69 28.69 6.82
CA SER B 28 2.06 29.82 6.12
C SER B 28 1.45 29.30 4.83
N PHE B 29 0.21 29.67 4.57
CA PHE B 29 -0.44 29.18 3.36
C PHE B 29 -1.49 30.14 2.81
N LEU B 30 -1.97 29.82 1.61
CA LEU B 30 -3.13 30.43 1.00
C LEU B 30 -3.81 29.43 0.05
N VAL B 31 -5.10 29.62 -0.21
CA VAL B 31 -5.80 28.91 -1.28
C VAL B 31 -6.04 29.90 -2.40
N ARG B 32 -5.91 29.45 -3.64
CA ARG B 32 -6.08 30.35 -4.79
C ARG B 32 -6.70 29.62 -5.99
N GLU B 33 -7.14 30.39 -6.97
CA GLU B 33 -7.56 29.87 -8.25
C GLU B 33 -6.33 29.59 -9.11
N SER B 34 -6.33 28.41 -9.73
CA SER B 34 -5.26 28.00 -10.63
C SER B 34 -5.41 28.66 -12.01
N GLU B 35 -4.31 29.14 -12.60
CA GLU B 35 -4.32 29.70 -13.97
C GLU B 35 -4.17 28.59 -15.02
N SER B 36 -3.31 27.62 -14.74
CA SER B 36 -3.05 26.53 -15.69
C SER B 36 -4.24 25.57 -15.86
N SER B 37 -5.13 25.53 -14.86
CA SER B 37 -6.36 24.73 -14.96
C SER B 37 -7.58 25.57 -14.57
N PRO B 38 -8.02 26.48 -15.47
CA PRO B 38 -9.12 27.41 -15.16
C PRO B 38 -10.28 26.71 -14.45
N GLY B 39 -10.65 27.23 -13.28
CA GLY B 39 -11.72 26.66 -12.49
C GLY B 39 -11.24 25.76 -11.35
N GLN B 40 -9.99 25.31 -11.44
CA GLN B 40 -9.44 24.48 -10.36
C GLN B 40 -8.87 25.38 -9.27
N ARG B 41 -8.95 24.92 -8.03
CA ARG B 41 -8.30 25.60 -6.90
C ARG B 41 -7.03 24.88 -6.42
N SER B 42 -6.17 25.62 -5.72
CA SER B 42 -4.86 25.14 -5.30
C SER B 42 -4.52 25.63 -3.89
N ILE B 43 -3.70 24.87 -3.18
CA ILE B 43 -3.13 25.31 -1.92
C ILE B 43 -1.65 25.61 -2.17
N SER B 44 -1.18 26.77 -1.73
CA SER B 44 0.23 27.10 -1.75
C SER B 44 0.75 27.22 -0.33
N LEU B 45 1.80 26.46 -0.02
CA LEU B 45 2.20 26.22 1.37
C LEU B 45 3.71 26.34 1.54
N ARG B 46 4.11 27.09 2.55
CA ARG B 46 5.53 27.23 2.84
C ARG B 46 6.05 26.30 3.94
N TYR B 47 7.25 25.78 3.69
CA TYR B 47 8.00 24.99 4.66
C TYR B 47 9.47 25.10 4.31
N GLU B 48 10.27 25.47 5.32
CA GLU B 48 11.73 25.57 5.21
C GLU B 48 12.16 26.33 3.97
N GLY B 49 11.64 27.55 3.83
CA GLY B 49 12.03 28.47 2.78
C GLY B 49 11.70 28.10 1.33
N ARG B 50 10.73 27.19 1.15
CA ARG B 50 10.26 26.80 -0.18
C ARG B 50 8.72 26.73 -0.20
N VAL B 51 8.13 27.05 -1.34
CA VAL B 51 6.68 27.01 -1.47
C VAL B 51 6.28 25.73 -2.24
N TYR B 52 5.32 25.01 -1.66
CA TYR B 52 4.77 23.79 -2.25
C TYR B 52 3.34 24.06 -2.69
N HIS B 53 2.97 23.62 -3.88
CA HIS B 53 1.67 23.89 -4.43
C HIS B 53 0.96 22.57 -4.63
N TYR B 54 -0.25 22.47 -4.09
CA TYR B 54 -1.05 21.23 -4.14
C TYR B 54 -2.36 21.49 -4.87
N ARG B 55 -2.67 20.62 -5.83
CA ARG B 55 -3.99 20.70 -6.48
C ARG B 55 -5.11 20.30 -5.52
N ILE B 56 -6.20 21.06 -5.51
CA ILE B 56 -7.40 20.56 -4.85
C ILE B 56 -8.21 19.77 -5.88
N ASN B 57 -8.19 18.46 -5.71
CA ASN B 57 -8.80 17.55 -6.66
C ASN B 57 -10.27 17.43 -6.37
N THR B 58 -11.05 17.18 -7.42
CA THR B 58 -12.47 16.89 -7.29
C THR B 58 -12.72 15.41 -7.62
N ALA B 59 -13.21 14.68 -6.62
CA ALA B 59 -13.59 13.27 -6.73
C ALA B 59 -14.76 13.08 -7.68
N SER B 60 -15.07 11.81 -8.01
CA SER B 60 -16.17 11.53 -8.95
C SER B 60 -17.52 12.11 -8.44
N ASP B 61 -17.77 11.99 -7.14
CA ASP B 61 -19.01 12.49 -6.56
C ASP B 61 -19.02 14.00 -6.20
N GLY B 62 -17.92 14.69 -6.48
CA GLY B 62 -17.83 16.13 -6.21
C GLY B 62 -17.07 16.52 -4.94
N LYS B 63 -16.70 15.55 -4.11
CA LYS B 63 -15.93 15.85 -2.92
C LYS B 63 -14.53 16.34 -3.28
N LEU B 64 -13.91 17.06 -2.35
CA LEU B 64 -12.62 17.69 -2.62
C LEU B 64 -11.54 17.03 -1.78
N TYR B 65 -10.33 16.98 -2.31
CA TYR B 65 -9.21 16.41 -1.57
C TYR B 65 -7.86 16.78 -2.14
N VAL B 66 -6.88 16.72 -1.25
CA VAL B 66 -5.47 16.76 -1.59
C VAL B 66 -4.89 15.33 -1.59
N SER B 67 -5.09 14.60 -0.49
CA SER B 67 -4.84 13.15 -0.39
C SER B 67 -6.12 12.36 -0.64
N SER B 68 -6.01 11.23 -1.33
CA SER B 68 -7.21 10.57 -1.83
C SER B 68 -8.07 9.94 -0.72
N GLU B 69 -7.41 9.56 0.39
CA GLU B 69 -8.13 8.92 1.50
C GLU B 69 -8.88 9.92 2.39
N SER B 70 -8.72 11.21 2.12
CA SER B 70 -9.27 12.28 2.97
C SER B 70 -10.07 13.27 2.14
N ARG B 71 -11.37 13.00 1.99
CA ARG B 71 -12.22 13.81 1.11
C ARG B 71 -13.27 14.58 1.90
N PHE B 72 -13.64 15.75 1.39
CA PHE B 72 -14.53 16.65 2.11
C PHE B 72 -15.54 17.30 1.20
N ASN B 73 -16.66 17.70 1.79
CA ASN B 73 -17.78 18.26 1.06
C ASN B 73 -17.50 19.69 0.67
N THR B 74 -16.73 20.39 1.50
CA THR B 74 -16.41 21.80 1.29
C THR B 74 -14.93 22.08 1.43
N LEU B 75 -14.50 23.15 0.79
CA LEU B 75 -13.13 23.62 0.91
C LEU B 75 -12.77 24.01 2.35
N ALA B 76 -13.72 24.64 3.04
CA ALA B 76 -13.51 25.03 4.45
C ALA B 76 -13.08 23.81 5.30
N GLU B 77 -13.84 22.72 5.19
CA GLU B 77 -13.58 21.47 5.90
C GLU B 77 -12.23 20.83 5.55
N LEU B 78 -11.89 20.86 4.26
CA LEU B 78 -10.57 20.39 3.80
C LEU B 78 -9.44 21.17 4.48
N VAL B 79 -9.55 22.50 4.50
CA VAL B 79 -8.54 23.34 5.17
C VAL B 79 -8.46 23.06 6.67
N HIS B 80 -9.62 22.99 7.32
CA HIS B 80 -9.63 22.68 8.75
C HIS B 80 -8.88 21.38 9.07
N HIS B 81 -9.16 20.32 8.32
CA HIS B 81 -8.53 19.02 8.53
C HIS B 81 -7.00 19.10 8.42
N HIS B 82 -6.49 19.72 7.34
CA HIS B 82 -5.04 19.81 7.11
C HIS B 82 -4.34 20.86 7.97
N SER B 83 -5.13 21.67 8.66
CA SER B 83 -4.61 22.53 9.73
C SER B 83 -4.24 21.67 10.96
N THR B 84 -4.93 20.54 11.11
CA THR B 84 -4.73 19.61 12.23
C THR B 84 -3.68 18.54 11.93
N VAL B 85 -3.79 17.87 10.78
CA VAL B 85 -2.85 16.82 10.42
C VAL B 85 -2.37 17.05 8.99
N ALA B 86 -1.06 16.95 8.78
CA ALA B 86 -0.49 17.19 7.45
C ALA B 86 -1.10 16.23 6.42
N ASP B 87 -1.16 14.94 6.78
CA ASP B 87 -1.89 13.94 5.99
C ASP B 87 -1.54 14.02 4.51
N GLY B 88 -0.24 14.05 4.21
CA GLY B 88 0.21 14.15 2.83
C GLY B 88 0.96 15.43 2.52
N LEU B 89 0.48 16.56 3.04
CA LEU B 89 1.20 17.83 2.91
C LEU B 89 2.54 17.77 3.65
N ILE B 90 3.48 18.62 3.28
CA ILE B 90 4.81 18.57 3.91
C ILE B 90 4.74 19.02 5.38
N THR B 91 3.75 19.86 5.65
CA THR B 91 3.46 20.30 7.00
C THR B 91 1.97 20.67 7.09
N THR B 92 1.51 21.03 8.28
CA THR B 92 0.13 21.46 8.52
C THR B 92 -0.14 22.91 8.07
N LEU B 93 -1.41 23.23 7.74
CA LEU B 93 -1.80 24.59 7.37
C LEU B 93 -2.04 25.45 8.62
N HIS B 94 -1.01 26.20 9.03
CA HIS B 94 -1.11 26.87 10.32
C HIS B 94 -1.51 28.33 10.16
N TYR B 95 -0.85 29.03 9.23
CA TYR B 95 -0.97 30.50 9.22
C TYR B 95 -1.37 31.08 7.86
N PRO B 96 -2.66 31.30 7.62
CA PRO B 96 -3.12 31.95 6.40
C PRO B 96 -2.35 33.24 6.14
N ALA B 97 -1.94 33.47 4.90
CA ALA B 97 -1.15 34.65 4.54
C ALA B 97 -2.00 35.96 4.49
N PRO B 98 -1.38 37.12 4.89
CA PRO B 98 -2.17 38.37 4.79
C PRO B 98 -2.40 38.84 3.35
N LYS B 99 -3.58 39.51 3.13
CA LYS B 99 -3.93 40.20 1.87
C LYS B 99 -2.83 40.17 0.79
N GLY C 1 -6.15 8.16 -19.70
CA GLY C 1 -5.38 7.12 -18.96
C GLY C 1 -4.54 7.72 -17.83
N SER C 2 -4.25 6.94 -16.79
CA SER C 2 -3.45 7.47 -15.67
C SER C 2 -2.35 6.47 -15.34
N SER C 3 -1.29 6.91 -14.67
CA SER C 3 -0.26 5.97 -14.26
C SER C 3 0.36 6.38 -12.93
N VAL C 4 0.98 5.43 -12.27
CA VAL C 4 1.68 5.68 -11.00
C VAL C 4 2.89 4.82 -11.00
N SER C 5 3.89 5.25 -10.22
CA SER C 5 5.14 4.57 -10.02
C SER C 5 5.33 4.38 -8.53
N SER C 6 5.97 3.27 -8.17
CA SER C 6 6.40 3.02 -6.80
C SER C 6 7.71 3.76 -6.46
N VAL C 7 7.63 4.62 -5.47
CA VAL C 7 8.83 5.29 -4.86
C VAL C 7 8.53 5.42 -3.38
N PRO C 8 9.46 5.01 -2.49
CA PRO C 8 10.71 4.27 -2.77
C PRO C 8 10.43 2.87 -3.29
N THR C 9 11.45 2.13 -3.68
CA THR C 9 11.24 0.79 -4.21
C THR C 9 11.84 -0.29 -3.29
N LYS C 10 12.52 0.14 -2.22
CA LYS C 10 13.04 -0.77 -1.21
C LYS C 10 12.97 -0.11 0.17
N LEU C 11 12.64 -0.90 1.16
CA LEU C 11 12.50 -0.41 2.54
C LEU C 11 13.07 -1.50 3.44
N GLU C 12 13.94 -1.12 4.38
CA GLU C 12 14.58 -2.08 5.27
C GLU C 12 14.49 -1.56 6.71
N VAL C 13 14.19 -2.47 7.66
CA VAL C 13 14.45 -2.18 9.06
C VAL C 13 15.89 -2.63 9.29
N VAL C 14 16.76 -1.64 9.43
CA VAL C 14 18.20 -1.93 9.50
C VAL C 14 18.55 -2.55 10.87
N ALA C 15 17.91 -2.03 11.93
CA ALA C 15 18.16 -2.43 13.32
C ALA C 15 16.99 -2.01 14.15
N ALA C 16 16.84 -2.68 15.29
CA ALA C 16 15.72 -2.41 16.18
C ALA C 16 16.14 -2.66 17.62
N THR C 17 15.70 -1.77 18.52
CA THR C 17 15.75 -2.07 19.95
C THR C 17 14.30 -2.40 20.35
N PRO C 18 14.06 -2.76 21.61
CA PRO C 18 12.65 -2.96 22.01
C PRO C 18 11.73 -1.74 21.80
N THR C 19 12.25 -0.53 21.69
CA THR C 19 11.40 0.67 21.57
C THR C 19 11.65 1.52 20.32
N SER C 20 12.55 1.09 19.46
CA SER C 20 12.93 1.91 18.31
C SER C 20 13.28 1.09 17.10
N LEU C 21 13.18 1.74 15.95
CA LEU C 21 13.58 1.16 14.68
C LEU C 21 14.46 2.13 13.92
N LEU C 22 15.43 1.59 13.18
CA LEU C 22 16.21 2.34 12.24
C LEU C 22 15.77 1.81 10.88
N ILE C 23 15.24 2.69 10.06
CA ILE C 23 14.76 2.27 8.72
C ILE C 23 15.55 2.96 7.61
N SER C 24 15.64 2.29 6.47
CA SER C 24 16.39 2.82 5.34
C SER C 24 15.62 2.51 4.04
N TRP C 25 15.68 3.43 3.07
CA TRP C 25 14.99 3.18 1.76
C TRP C 25 15.92 3.65 0.65
N ASP C 26 15.63 3.26 -0.58
CA ASP C 26 16.54 3.54 -1.69
C ASP C 26 16.38 4.98 -2.23
N ALA C 27 17.39 5.44 -2.98
CA ALA C 27 17.32 6.68 -3.73
C ALA C 27 16.48 6.49 -5.02
N PRO C 28 15.74 7.55 -5.44
CA PRO C 28 14.88 7.33 -6.59
C PRO C 28 15.63 7.47 -7.95
N MET C 29 15.05 6.96 -9.03
CA MET C 29 15.64 7.27 -10.35
C MET C 29 15.62 8.78 -10.66
N SER C 30 16.56 9.26 -11.48
CA SER C 30 16.79 10.73 -11.63
C SER C 30 15.59 11.49 -12.24
N SER C 31 14.75 10.74 -12.97
CA SER C 31 13.59 11.31 -13.67
C SER C 31 12.38 11.44 -12.76
N SER C 32 12.47 10.82 -11.58
CA SER C 32 11.38 10.82 -10.59
C SER C 32 11.69 11.79 -9.49
N SER C 33 11.15 13.02 -9.65
CA SER C 33 11.26 14.12 -8.70
C SER C 33 10.77 13.67 -7.33
N VAL C 34 11.55 13.93 -6.28
CA VAL C 34 11.10 13.72 -4.92
C VAL C 34 11.57 14.90 -4.10
N TYR C 35 10.64 15.51 -3.36
CA TYR C 35 10.99 16.61 -2.46
C TYR C 35 10.95 16.23 -0.99
N TYR C 36 10.05 15.32 -0.64
CA TYR C 36 10.03 14.85 0.76
C TYR C 36 9.49 13.45 0.87
N TYR C 37 9.81 12.80 1.98
CA TYR C 37 9.19 11.50 2.29
C TYR C 37 8.33 11.66 3.52
N ARG C 38 7.19 11.00 3.54
CA ARG C 38 6.30 11.02 4.70
C ARG C 38 6.37 9.60 5.29
N ILE C 39 6.76 9.51 6.57
CA ILE C 39 6.85 8.20 7.22
C ILE C 39 5.65 8.04 8.14
N THR C 40 4.89 6.96 7.99
CA THR C 40 3.84 6.69 9.01
C THR C 40 4.11 5.41 9.75
N TYR C 41 3.64 5.33 11.00
CA TYR C 41 3.77 4.06 11.72
C TYR C 41 2.65 3.92 12.74
N GLY C 42 2.23 2.68 12.92
CA GLY C 42 1.24 2.33 13.95
C GLY C 42 1.24 0.84 14.21
N GLU C 43 0.66 0.42 15.33
CA GLU C 43 0.50 -1.02 15.60
C GLU C 43 -0.34 -1.63 14.49
N THR C 44 0.16 -2.72 13.94
CA THR C 44 -0.55 -3.46 12.90
C THR C 44 -1.90 -3.92 13.42
N GLY C 45 -2.94 -3.63 12.68
CA GLY C 45 -4.30 -4.03 13.06
C GLY C 45 -4.93 -3.15 14.12
N GLY C 46 -4.18 -2.16 14.59
CA GLY C 46 -4.63 -1.23 15.61
C GLY C 46 -5.74 -0.29 15.15
N ASN C 47 -6.66 0.00 16.06
CA ASN C 47 -7.80 0.82 15.73
C ASN C 47 -7.52 2.32 15.89
N SER C 48 -6.30 2.63 16.34
CA SER C 48 -5.86 4.01 16.53
C SER C 48 -5.02 4.52 15.34
N PRO C 49 -5.37 5.72 14.80
CA PRO C 49 -4.63 6.40 13.73
C PRO C 49 -3.10 6.32 13.86
N VAL C 50 -2.42 6.30 12.72
CA VAL C 50 -0.97 6.22 12.70
C VAL C 50 -0.28 7.52 13.19
N GLN C 51 0.97 7.41 13.59
CA GLN C 51 1.79 8.60 13.83
C GLN C 51 2.57 8.91 12.58
N GLU C 52 3.06 10.13 12.43
CA GLU C 52 3.75 10.44 11.17
C GLU C 52 4.77 11.55 11.32
N PHE C 53 5.66 11.63 10.34
CA PHE C 53 6.57 12.77 10.22
C PHE C 53 7.06 12.78 8.79
N THR C 54 7.63 13.91 8.36
CA THR C 54 8.24 14.02 7.04
C THR C 54 9.74 14.30 7.16
N VAL C 55 10.50 13.83 6.18
CA VAL C 55 11.94 14.12 6.08
C VAL C 55 12.19 14.61 4.64
N PRO C 56 13.21 15.47 4.44
CA PRO C 56 13.57 15.98 3.10
C PRO C 56 14.01 14.87 2.15
N TYR C 57 13.93 15.13 0.84
CA TYR C 57 14.33 14.14 -0.16
C TYR C 57 15.79 13.69 0.03
N SER C 58 16.57 14.52 0.70
CA SER C 58 18.00 14.26 0.88
C SER C 58 18.27 13.18 1.94
N SER C 59 17.25 12.83 2.71
CA SER C 59 17.30 11.74 3.69
C SER C 59 16.87 10.41 3.09
N SER C 60 17.62 9.35 3.37
CA SER C 60 17.17 7.98 2.99
C SER C 60 17.18 7.03 4.21
N THR C 61 17.28 7.59 5.42
CA THR C 61 17.11 6.78 6.63
C THR C 61 16.26 7.59 7.65
N ALA C 62 15.68 6.91 8.63
CA ALA C 62 15.06 7.63 9.73
C ALA C 62 14.98 6.70 10.91
N THR C 63 14.84 7.28 12.09
CA THR C 63 14.54 6.46 13.26
C THR C 63 13.11 6.70 13.72
N ILE C 64 12.51 5.64 14.24
CA ILE C 64 11.17 5.70 14.81
C ILE C 64 11.29 5.25 16.26
N SER C 65 10.76 6.02 17.19
CA SER C 65 10.98 5.71 18.60
C SER C 65 9.66 5.71 19.38
N GLY C 66 9.76 5.46 20.69
CA GLY C 66 8.60 5.41 21.60
C GLY C 66 7.68 4.24 21.33
N LEU C 67 8.25 3.18 20.77
CA LEU C 67 7.46 1.99 20.45
C LEU C 67 7.41 1.08 21.68
N SER C 68 6.47 0.14 21.68
CA SER C 68 6.33 -0.81 22.78
C SER C 68 7.04 -2.11 22.39
N PRO C 69 7.76 -2.72 23.34
CA PRO C 69 8.48 -3.97 23.09
C PRO C 69 7.60 -5.14 22.70
N GLY C 70 8.07 -5.91 21.73
CA GLY C 70 7.44 -7.16 21.35
C GLY C 70 6.11 -6.91 20.66
N VAL C 71 6.03 -5.81 19.91
CA VAL C 71 4.76 -5.48 19.25
C VAL C 71 4.91 -5.32 17.73
N ASP C 72 3.91 -5.77 16.97
CA ASP C 72 3.93 -5.62 15.50
C ASP C 72 3.55 -4.24 15.08
N TYR C 73 4.42 -3.60 14.28
CA TYR C 73 4.18 -2.30 13.66
C TYR C 73 4.16 -2.37 12.16
N THR C 74 3.33 -1.54 11.54
CA THR C 74 3.36 -1.36 10.09
C THR C 74 3.95 0.03 9.83
N ILE C 75 5.03 0.09 9.05
CA ILE C 75 5.73 1.33 8.75
C ILE C 75 5.54 1.56 7.25
N THR C 76 5.08 2.74 6.86
CA THR C 76 4.83 3.05 5.45
C THR C 76 5.66 4.29 5.11
N VAL C 77 6.29 4.30 3.93
CA VAL C 77 7.05 5.47 3.47
C VAL C 77 6.39 5.94 2.16
N TYR C 78 5.96 7.21 2.16
CA TYR C 78 5.35 7.80 0.97
C TYR C 78 6.37 8.80 0.41
N ALA C 79 6.44 8.91 -0.91
CA ALA C 79 7.30 9.92 -1.53
C ALA C 79 6.41 10.89 -2.28
N TRP C 80 6.70 12.18 -2.07
CA TRP C 80 5.97 13.20 -2.76
C TRP C 80 6.93 14.02 -3.63
N GLY C 81 6.60 14.17 -4.92
CA GLY C 81 7.46 14.94 -5.86
C GLY C 81 6.67 16.06 -6.52
N GLU C 82 7.30 16.80 -7.43
CA GLU C 82 6.64 17.94 -8.08
C GLU C 82 6.64 17.72 -9.59
N ASP C 83 5.49 17.93 -10.24
CA ASP C 83 5.36 17.65 -11.68
C ASP C 83 5.81 18.83 -12.51
N SER C 84 5.68 18.73 -13.83
CA SER C 84 6.19 19.80 -14.69
C SER C 84 5.39 21.08 -14.53
N ALA C 85 4.15 20.96 -14.03
CA ALA C 85 3.29 22.14 -13.86
C ALA C 85 3.54 22.81 -12.50
N GLY C 86 4.55 22.30 -11.78
CA GLY C 86 4.94 22.84 -10.49
C GLY C 86 4.01 22.44 -9.36
N TYR C 87 3.33 21.31 -9.51
CA TYR C 87 2.38 20.78 -8.50
C TYR C 87 2.84 19.47 -7.86
N MET C 88 2.61 19.36 -6.57
CA MET C 88 2.99 18.14 -5.83
C MET C 88 2.12 16.95 -6.17
N PHE C 89 2.71 15.75 -6.12
CA PHE C 89 1.97 14.51 -6.34
C PHE C 89 2.61 13.41 -5.53
N MET C 90 1.89 12.30 -5.36
CA MET C 90 2.34 11.24 -4.48
C MET C 90 2.57 9.97 -5.28
N TYR C 91 3.73 9.34 -5.09
CA TYR C 91 4.00 8.07 -5.74
C TYR C 91 3.28 6.95 -4.94
N SER C 92 3.24 5.75 -5.52
CA SER C 92 2.69 4.62 -4.76
C SER C 92 3.67 4.27 -3.63
N PRO C 93 3.18 4.10 -2.39
CA PRO C 93 4.08 3.97 -1.24
C PRO C 93 4.59 2.54 -0.98
N ILE C 94 5.56 2.41 -0.06
CA ILE C 94 6.11 1.08 0.29
C ILE C 94 5.82 0.86 1.76
N SER C 95 5.52 -0.38 2.16
CA SER C 95 5.30 -0.61 3.60
C SER C 95 5.94 -1.91 4.02
N ILE C 96 6.20 -2.01 5.33
CA ILE C 96 6.76 -3.23 5.90
C ILE C 96 6.14 -3.41 7.27
N ASN C 97 6.06 -4.67 7.70
CA ASN C 97 5.64 -4.98 9.06
C ASN C 97 6.84 -5.46 9.83
N TYR C 98 6.94 -5.07 11.09
CA TYR C 98 8.11 -5.45 11.86
C TYR C 98 7.76 -5.43 13.33
N ARG C 99 8.26 -6.41 14.06
CA ARG C 99 8.05 -6.58 15.48
C ARG C 99 9.25 -6.06 16.25
N THR C 100 9.00 -5.17 17.20
CA THR C 100 10.12 -4.59 17.97
C THR C 100 10.77 -5.66 18.82
N CYS C 101 12.03 -5.36 19.18
CA CYS C 101 12.98 -6.22 19.90
C CYS C 101 14.07 -6.83 18.99
N GLY D 1 18.06 -8.00 9.53
CA GLY D 1 17.48 -6.77 8.87
C GLY D 1 16.42 -7.06 7.82
N SER D 2 15.16 -7.07 8.24
CA SER D 2 14.07 -7.39 7.33
C SER D 2 13.87 -6.29 6.29
N SER D 3 13.56 -6.73 5.07
CA SER D 3 13.43 -5.80 3.98
C SER D 3 12.32 -6.20 3.03
N VAL D 4 11.79 -5.22 2.32
CA VAL D 4 10.77 -5.48 1.30
C VAL D 4 11.14 -4.65 0.07
N SER D 5 10.62 -5.09 -1.07
CA SER D 5 10.82 -4.39 -2.35
C SER D 5 9.50 -4.18 -3.03
N SER D 6 9.44 -3.15 -3.87
CA SER D 6 8.24 -2.85 -4.70
C SER D 6 8.25 -3.66 -5.98
N VAL D 7 7.24 -4.53 -6.16
CA VAL D 7 7.01 -5.24 -7.44
C VAL D 7 5.48 -5.36 -7.57
N PRO D 8 4.88 -4.93 -8.67
CA PRO D 8 5.46 -4.23 -9.82
C PRO D 8 5.97 -2.85 -9.40
N THR D 9 6.53 -2.09 -10.35
CA THR D 9 7.03 -0.74 -10.03
C THR D 9 6.30 0.38 -10.78
N LYS D 10 5.44 0.05 -11.76
CA LYS D 10 4.67 1.04 -12.50
C LYS D 10 3.35 0.39 -12.90
N LEU D 11 2.26 1.15 -12.76
CA LEU D 11 0.89 0.66 -12.98
C LEU D 11 0.18 1.72 -13.83
N GLU D 12 -0.41 1.29 -14.95
CA GLU D 12 -1.06 2.22 -15.89
C GLU D 12 -2.45 1.70 -16.07
N VAL D 13 -3.42 2.61 -16.19
CA VAL D 13 -4.82 2.22 -16.29
C VAL D 13 -5.54 3.15 -17.27
N VAL D 14 -6.56 2.63 -17.95
CA VAL D 14 -7.32 3.43 -18.92
C VAL D 14 -8.72 2.80 -18.97
N ALA D 15 -9.75 3.61 -19.21
CA ALA D 15 -11.09 3.08 -19.37
C ALA D 15 -11.17 2.35 -20.73
N ALA D 16 -11.66 1.12 -20.73
CA ALA D 16 -11.85 0.42 -21.99
C ALA D 16 -13.27 0.66 -22.49
N THR D 17 -14.22 0.57 -21.55
CA THR D 17 -15.64 0.87 -21.79
C THR D 17 -16.15 1.54 -20.52
N PRO D 18 -17.40 2.09 -20.51
CA PRO D 18 -17.90 2.68 -19.27
C PRO D 18 -17.89 1.72 -18.06
N THR D 19 -17.80 0.41 -18.33
CA THR D 19 -17.84 -0.60 -17.26
C THR D 19 -16.55 -1.46 -17.11
N SER D 20 -15.48 -1.10 -17.81
CA SER D 20 -14.26 -1.93 -17.76
C SER D 20 -12.97 -1.11 -17.94
N LEU D 21 -11.88 -1.65 -17.44
CA LEU D 21 -10.58 -0.99 -17.44
C LEU D 21 -9.59 -1.95 -18.08
N LEU D 22 -8.61 -1.38 -18.78
CA LEU D 22 -7.39 -2.10 -19.14
C LEU D 22 -6.30 -1.62 -18.18
N ILE D 23 -5.61 -2.55 -17.54
CA ILE D 23 -4.49 -2.17 -16.68
C ILE D 23 -3.22 -2.86 -17.13
N SER D 24 -2.05 -2.24 -16.90
CA SER D 24 -0.78 -2.81 -17.31
C SER D 24 0.27 -2.44 -16.30
N TRP D 25 1.24 -3.31 -16.14
CA TRP D 25 2.32 -3.05 -15.18
C TRP D 25 3.61 -3.54 -15.84
N ASP D 26 4.72 -3.27 -15.18
CA ASP D 26 6.01 -3.60 -15.77
C ASP D 26 6.31 -5.08 -15.56
N ALA D 27 6.86 -5.73 -16.57
CA ALA D 27 7.21 -7.14 -16.44
C ALA D 27 8.33 -7.17 -15.40
N PRO D 28 8.32 -8.19 -14.55
CA PRO D 28 9.30 -8.20 -13.47
C PRO D 28 10.70 -8.55 -13.97
N MET D 29 11.71 -8.11 -13.22
CA MET D 29 13.06 -8.64 -13.43
C MET D 29 13.04 -10.16 -13.15
N SER D 30 13.90 -10.93 -13.83
CA SER D 30 13.95 -12.37 -13.58
C SER D 30 14.35 -12.61 -12.13
N SER D 31 15.19 -11.69 -11.63
CA SER D 31 15.68 -11.74 -10.25
C SER D 31 14.59 -11.55 -9.19
N SER D 32 13.39 -11.13 -9.59
CA SER D 32 12.32 -11.00 -8.61
C SER D 32 11.58 -12.31 -8.29
N SER D 33 11.85 -13.34 -9.10
CA SER D 33 11.19 -14.66 -8.91
C SER D 33 9.65 -14.59 -8.77
N VAL D 34 8.93 -13.82 -9.58
CA VAL D 34 7.45 -13.72 -9.45
C VAL D 34 6.75 -14.98 -10.00
N TYR D 35 5.78 -15.52 -9.23
CA TYR D 35 4.97 -16.65 -9.69
C TYR D 35 3.55 -16.35 -10.12
N TYR D 36 2.98 -15.30 -9.56
CA TYR D 36 1.67 -14.84 -9.99
C TYR D 36 1.42 -13.43 -9.49
N TYR D 37 0.43 -12.76 -10.06
CA TYR D 37 0.00 -11.46 -9.55
C TYR D 37 -1.43 -11.61 -9.02
N ARG D 38 -1.74 -10.88 -7.96
CA ARG D 38 -3.12 -10.75 -7.51
C ARG D 38 -3.57 -9.35 -7.82
N ILE D 39 -4.72 -9.21 -8.47
CA ILE D 39 -5.27 -7.88 -8.78
C ILE D 39 -6.50 -7.68 -7.88
N THR D 40 -6.60 -6.55 -7.20
CA THR D 40 -7.80 -6.27 -6.43
C THR D 40 -8.41 -4.96 -6.88
N TYR D 41 -9.72 -4.84 -6.70
CA TYR D 41 -10.38 -3.59 -7.07
C TYR D 41 -11.65 -3.48 -6.26
N GLY D 42 -11.88 -2.25 -5.80
CA GLY D 42 -13.08 -1.92 -5.04
C GLY D 42 -13.15 -0.42 -4.92
N GLU D 43 -14.16 0.04 -4.20
CA GLU D 43 -14.44 1.47 -4.09
C GLU D 43 -13.38 2.06 -3.23
N THR D 44 -13.02 3.27 -3.60
CA THR D 44 -11.91 3.97 -2.98
C THR D 44 -12.17 4.29 -1.48
N GLY D 45 -11.18 3.98 -0.63
CA GLY D 45 -11.16 4.43 0.79
C GLY D 45 -11.78 3.48 1.78
N GLY D 46 -11.47 3.71 3.07
CA GLY D 46 -12.09 3.01 4.21
C GLY D 46 -11.89 1.51 4.25
N ASN D 47 -10.78 1.02 3.68
CA ASN D 47 -10.57 -0.44 3.66
C ASN D 47 -11.88 -1.16 3.24
N SER D 48 -12.41 -0.76 2.09
CA SER D 48 -13.68 -1.30 1.61
C SER D 48 -13.42 -2.64 0.94
N PRO D 49 -14.48 -3.49 0.80
CA PRO D 49 -14.27 -4.82 0.21
C PRO D 49 -13.74 -4.75 -1.22
N VAL D 50 -12.93 -5.74 -1.58
CA VAL D 50 -12.41 -5.76 -2.93
C VAL D 50 -12.84 -7.06 -3.59
N GLN D 51 -12.97 -7.02 -4.91
CA GLN D 51 -13.03 -8.22 -5.74
C GLN D 51 -11.58 -8.52 -6.09
N GLU D 52 -11.26 -9.77 -6.42
CA GLU D 52 -9.91 -10.09 -6.75
C GLU D 52 -9.80 -11.21 -7.75
N PHE D 53 -8.65 -11.28 -8.38
CA PHE D 53 -8.30 -12.41 -9.24
C PHE D 53 -6.79 -12.45 -9.35
N THR D 54 -6.30 -13.58 -9.83
CA THR D 54 -4.87 -13.77 -10.05
C THR D 54 -4.62 -13.94 -11.55
N VAL D 55 -3.44 -13.52 -11.99
CA VAL D 55 -2.93 -13.83 -13.33
C VAL D 55 -1.52 -14.47 -13.16
N PRO D 56 -1.08 -15.28 -14.15
CA PRO D 56 0.24 -15.89 -14.02
C PRO D 56 1.35 -14.83 -14.17
N TYR D 57 2.56 -15.19 -13.75
CA TYR D 57 3.69 -14.24 -13.77
C TYR D 57 4.03 -13.75 -15.18
N SER D 58 3.61 -14.51 -16.18
CA SER D 58 3.91 -14.17 -17.57
C SER D 58 2.95 -13.13 -18.14
N SER D 59 1.97 -12.72 -17.34
CA SER D 59 1.11 -11.64 -17.73
C SER D 59 1.56 -10.31 -17.13
N SER D 60 1.42 -9.23 -17.90
CA SER D 60 1.65 -7.87 -17.36
C SER D 60 0.51 -6.91 -17.68
N THR D 61 -0.68 -7.48 -17.97
CA THR D 61 -1.85 -6.68 -18.26
C THR D 61 -3.02 -7.49 -17.75
N ALA D 62 -4.13 -6.82 -17.53
CA ALA D 62 -5.38 -7.51 -17.24
C ALA D 62 -6.53 -6.57 -17.58
N THR D 63 -7.75 -7.11 -17.68
CA THR D 63 -8.92 -6.28 -17.81
C THR D 63 -9.72 -6.48 -16.55
N ILE D 64 -10.49 -5.47 -16.18
CA ILE D 64 -11.38 -5.52 -15.03
C ILE D 64 -12.75 -5.10 -15.55
N SER D 65 -13.77 -5.92 -15.33
CA SER D 65 -15.10 -5.70 -15.94
C SER D 65 -16.14 -5.59 -14.86
N GLY D 66 -17.38 -5.24 -15.23
CA GLY D 66 -18.48 -5.21 -14.28
C GLY D 66 -18.43 -4.01 -13.35
N LEU D 67 -17.72 -2.97 -13.77
CA LEU D 67 -17.63 -1.73 -12.97
C LEU D 67 -18.82 -0.81 -13.19
N SER D 68 -19.02 0.09 -12.23
CA SER D 68 -20.05 1.13 -12.32
C SER D 68 -19.44 2.38 -12.97
N PRO D 69 -20.07 2.88 -14.07
CA PRO D 69 -19.56 4.06 -14.75
C PRO D 69 -19.41 5.20 -13.76
N GLY D 70 -18.29 5.91 -13.82
CA GLY D 70 -18.08 7.14 -12.98
C GLY D 70 -17.59 6.96 -11.54
N VAL D 71 -17.70 5.74 -11.02
CA VAL D 71 -17.42 5.48 -9.61
C VAL D 71 -15.92 5.37 -9.46
N ASP D 72 -15.38 5.94 -8.39
CA ASP D 72 -13.95 5.86 -8.11
C ASP D 72 -13.61 4.50 -7.58
N TYR D 73 -12.64 3.84 -8.22
CA TYR D 73 -12.13 2.55 -7.76
C TYR D 73 -10.66 2.65 -7.38
N THR D 74 -10.23 1.84 -6.41
CA THR D 74 -8.80 1.67 -6.19
C THR D 74 -8.42 0.32 -6.71
N ILE D 75 -7.40 0.30 -7.57
CA ILE D 75 -6.91 -0.95 -8.20
C ILE D 75 -5.55 -1.21 -7.60
N THR D 76 -5.31 -2.42 -7.09
CA THR D 76 -4.03 -2.74 -6.53
C THR D 76 -3.52 -4.01 -7.18
N VAL D 77 -2.21 -4.04 -7.43
CA VAL D 77 -1.59 -5.21 -8.01
C VAL D 77 -0.50 -5.68 -7.05
N TYR D 78 -0.62 -6.93 -6.63
CA TYR D 78 0.37 -7.57 -5.74
C TYR D 78 1.14 -8.60 -6.56
N ALA D 79 2.41 -8.78 -6.21
CA ALA D 79 3.26 -9.81 -6.83
C ALA D 79 3.68 -10.77 -5.72
N TRP D 80 3.50 -12.07 -5.98
CA TRP D 80 3.97 -13.11 -5.04
C TRP D 80 5.14 -13.87 -5.66
N GLY D 81 6.25 -13.94 -4.92
CA GLY D 81 7.49 -14.54 -5.38
C GLY D 81 7.83 -15.72 -4.46
N GLU D 82 8.89 -16.46 -4.82
CA GLU D 82 9.30 -17.63 -4.01
C GLU D 82 10.74 -17.35 -3.54
N ASP D 83 10.98 -17.52 -2.25
CA ASP D 83 12.33 -17.19 -1.71
C ASP D 83 13.26 -18.38 -1.80
N SER D 84 14.51 -18.16 -1.37
CA SER D 84 15.51 -19.19 -1.48
C SER D 84 15.22 -20.43 -0.61
N ALA D 85 14.33 -20.28 0.39
CA ALA D 85 13.90 -21.41 1.21
C ALA D 85 12.72 -22.14 0.60
N GLY D 86 12.25 -21.70 -0.56
CA GLY D 86 11.13 -22.38 -1.19
C GLY D 86 9.76 -21.99 -0.60
N TYR D 87 9.68 -20.79 -0.03
CA TYR D 87 8.38 -20.27 0.46
C TYR D 87 7.92 -19.05 -0.27
N MET D 88 6.60 -18.94 -0.42
CA MET D 88 6.02 -17.81 -1.13
C MET D 88 6.08 -16.59 -0.25
N PHE D 89 6.18 -15.40 -0.86
CA PHE D 89 6.13 -14.14 -0.10
C PHE D 89 5.56 -13.06 -0.99
N MET D 90 5.14 -11.98 -0.37
CA MET D 90 4.47 -10.89 -1.10
C MET D 90 5.43 -9.72 -1.18
N TYR D 91 5.64 -9.21 -2.38
CA TYR D 91 6.32 -7.94 -2.55
C TYR D 91 5.38 -6.80 -2.11
N SER D 92 5.95 -5.63 -1.89
CA SER D 92 5.14 -4.48 -1.57
C SER D 92 4.37 -4.11 -2.85
N PRO D 93 3.06 -3.96 -2.73
CA PRO D 93 2.18 -3.77 -3.94
C PRO D 93 2.06 -2.34 -4.44
N ILE D 94 1.46 -2.17 -5.63
CA ILE D 94 1.32 -0.87 -6.23
C ILE D 94 -0.18 -0.58 -6.38
N SER D 95 -0.61 0.67 -6.21
CA SER D 95 -2.05 0.99 -6.34
C SER D 95 -2.29 2.31 -6.98
N ILE D 96 -3.47 2.42 -7.57
CA ILE D 96 -3.87 3.65 -8.24
C ILE D 96 -5.35 3.80 -8.04
N ASN D 97 -5.81 5.05 -8.04
CA ASN D 97 -7.25 5.32 -8.06
C ASN D 97 -7.66 5.72 -9.47
N TYR D 98 -8.83 5.25 -9.89
CA TYR D 98 -9.29 5.59 -11.23
C TYR D 98 -10.81 5.46 -11.35
N ARG D 99 -11.40 6.08 -12.37
CA ARG D 99 -12.84 5.89 -12.63
C ARG D 99 -13.05 5.88 -14.14
N THR D 100 -14.06 5.17 -14.60
CA THR D 100 -14.43 5.28 -16.01
C THR D 100 -15.16 6.61 -16.18
N CYS D 101 -15.27 7.09 -17.42
CA CYS D 101 -15.97 8.35 -17.72
C CYS D 101 -15.40 9.52 -16.91
#